data_8XLX
#
_entry.id   8XLX
#
_cell.length_a   76.580
_cell.length_b   83.527
_cell.length_c   61.422
_cell.angle_alpha   90.00
_cell.angle_beta   101.89
_cell.angle_gamma   90.00
#
_symmetry.space_group_name_H-M   'C 1 2 1'
#
loop_
_entity.id
_entity.type
_entity.pdbx_description
1 polymer '4-hydroxyphenylpyruvate dioxygenase'
2 non-polymer (3~{R},4~{S},5~{R})-4-[2,4-bis(chloranyl)-3-phenylmethoxy-phenyl]carbonyl-1-ethyl-5-methyl-3-oxidanyl-pyrrolidin-2-one
3 non-polymer 'COBALT (II) ION'
4 water water
#
_entity_poly.entity_id   1
_entity_poly.type   'polypeptide(L)'
_entity_poly.pdbx_seq_one_letter_code
;GSHMVRKNPKSDKFKVKRFHHIEFWCGDATNVARRFSWGLGMRFSAKSDLSTGNMVHASYLLTSGDLRFLFTAPYSPSLS
AGEIKPTTTASIPSFDHGSCRSFFSSHGLGVRAVAIEVEDAESAFSISVANGAIPSSPPIVLNEAVTIAEVKLYGDVVLR
YVSYKAEDTEKSEFLPGFERVEDASSFPLDYGIRRLDHAVGNVPELGPALTYVAGFTGFHQFAEFTADDVGTAESGLNSA
VLASNDEMVLLPINEPVHGTKRKSQIQTYLEHNEGAGLQHLALMSEDIFRTLREMRKRSSIGGFDFMPSPPPTYYQNLKK
RVGDVLSDDQIKECEELGILVDRDDQGTLLQIFTKPLGDRPTIFIEIIQRVGCMMKDEEGKAYQSGGCGGFGKGNFSELF
KSIEEYEKTLEAKQLVG
;
_entity_poly.pdbx_strand_id   A
#
loop_
_chem_comp.id
_chem_comp.type
_chem_comp.name
_chem_comp.formula
A1LWA non-polymer (3~{R},4~{S},5~{R})-4-[2,4-bis(chloranyl)-3-phenylmethoxy-phenyl]carbonyl-1-ethyl-5-methyl-3-oxidanyl-pyrrolidin-2-one 'C21 H21 Cl2 N O4'
CO non-polymer 'COBALT (II) ION' 'Co 2'
#
# COMPACT_ATOMS: atom_id res chain seq x y z
N LYS A 7 14.88 -12.43 15.68
CA LYS A 7 13.93 -12.92 16.67
C LYS A 7 12.51 -12.44 16.37
N ASN A 8 11.54 -13.27 16.72
CA ASN A 8 10.12 -12.96 16.55
C ASN A 8 9.41 -13.30 17.85
N PRO A 9 9.17 -12.32 18.72
CA PRO A 9 8.50 -12.60 20.00
C PRO A 9 7.03 -12.95 19.85
N LYS A 10 6.46 -12.84 18.64
CA LYS A 10 5.05 -13.13 18.37
C LYS A 10 4.14 -12.50 19.43
N SER A 11 4.22 -11.18 19.51
CA SER A 11 3.56 -10.43 20.57
C SER A 11 2.33 -9.67 20.11
N ASP A 12 1.72 -10.06 18.97
CA ASP A 12 0.47 -9.43 18.54
C ASP A 12 -0.55 -9.45 19.67
N LYS A 13 -1.20 -8.32 19.91
CA LYS A 13 -2.17 -8.22 20.99
C LYS A 13 -3.56 -8.71 20.58
N PHE A 14 -3.77 -8.98 19.29
CA PHE A 14 -4.99 -9.61 18.81
C PHE A 14 -4.63 -10.37 17.54
N LYS A 15 -5.55 -11.20 17.08
CA LYS A 15 -5.29 -12.09 15.96
C LYS A 15 -5.44 -11.33 14.65
N VAL A 16 -4.35 -11.22 13.91
CA VAL A 16 -4.31 -10.53 12.62
C VAL A 16 -4.13 -11.59 11.53
N LYS A 17 -4.83 -11.43 10.42
CA LYS A 17 -4.71 -12.39 9.34
C LYS A 17 -3.83 -11.82 8.23
N ARG A 18 -4.40 -11.07 7.30
CA ARG A 18 -3.66 -10.55 6.17
C ARG A 18 -4.11 -9.14 5.87
N PHE A 19 -3.31 -8.43 5.07
CA PHE A 19 -3.82 -7.21 4.45
C PHE A 19 -5.13 -7.51 3.74
N HIS A 20 -6.11 -6.61 3.88
CA HIS A 20 -7.41 -6.83 3.26
C HIS A 20 -7.64 -5.91 2.08
N HIS A 21 -7.49 -4.62 2.29
CA HIS A 21 -7.67 -3.66 1.19
C HIS A 21 -6.97 -2.35 1.52
N ILE A 22 -6.82 -1.51 0.50
CA ILE A 22 -6.28 -0.17 0.60
C ILE A 22 -7.35 0.74 0.07
N GLU A 23 -7.68 1.82 0.79
CA GLU A 23 -8.70 2.75 0.32
C GLU A 23 -8.05 4.08 0.02
N PHE A 24 -8.26 4.55 -1.21
CA PHE A 24 -7.85 5.88 -1.65
C PHE A 24 -9.03 6.83 -1.48
N TRP A 25 -8.76 7.99 -0.91
CA TRP A 25 -9.74 9.06 -0.95
C TRP A 25 -9.41 9.99 -2.11
N CYS A 26 -10.43 10.25 -2.93
CA CYS A 26 -10.31 10.85 -4.26
C CYS A 26 -11.23 12.04 -4.38
N GLY A 27 -10.99 12.83 -5.42
CA GLY A 27 -11.95 13.86 -5.79
C GLY A 27 -13.02 13.26 -6.67
N ASP A 28 -12.58 12.50 -7.67
CA ASP A 28 -13.47 11.75 -8.54
C ASP A 28 -13.02 10.30 -8.56
N ALA A 29 -13.80 9.43 -7.92
CA ALA A 29 -13.40 8.03 -7.80
C ALA A 29 -13.44 7.32 -9.13
N THR A 30 -14.35 7.72 -10.01
CA THR A 30 -14.49 7.07 -11.32
C THR A 30 -13.21 7.19 -12.12
N ASN A 31 -12.66 8.40 -12.24
CA ASN A 31 -11.50 8.58 -13.12
C ASN A 31 -10.25 7.95 -12.53
N VAL A 32 -10.06 8.05 -11.22
CA VAL A 32 -8.90 7.41 -10.61
C VAL A 32 -9.01 5.90 -10.73
N ALA A 33 -10.19 5.33 -10.44
CA ALA A 33 -10.35 3.88 -10.54
C ALA A 33 -10.10 3.37 -11.95
N ARG A 34 -10.63 4.05 -12.97
CA ARG A 34 -10.42 3.62 -14.35
C ARG A 34 -8.95 3.72 -14.75
N ARG A 35 -8.27 4.80 -14.34
CA ARG A 35 -6.85 4.93 -14.64
C ARG A 35 -6.06 3.78 -14.00
N PHE A 36 -6.32 3.53 -12.71
CA PHE A 36 -5.59 2.48 -12.00
C PHE A 36 -5.89 1.10 -12.59
N SER A 37 -7.15 0.86 -12.98
CA SER A 37 -7.52 -0.44 -13.53
C SER A 37 -6.69 -0.75 -14.76
N TRP A 38 -6.60 0.22 -15.67
CA TRP A 38 -5.85 0.03 -16.91
C TRP A 38 -4.35 -0.04 -16.63
N GLY A 39 -3.84 0.81 -15.75
CA GLY A 39 -2.41 0.90 -15.56
C GLY A 39 -1.82 -0.28 -14.81
N LEU A 40 -2.59 -0.89 -13.88
CA LEU A 40 -2.11 -1.98 -13.05
C LEU A 40 -2.72 -3.33 -13.41
N GLY A 41 -3.74 -3.38 -14.26
CA GLY A 41 -4.33 -4.63 -14.64
C GLY A 41 -5.23 -5.20 -13.56
N MET A 42 -6.08 -4.36 -13.00
CA MET A 42 -7.01 -4.74 -11.95
C MET A 42 -8.41 -4.68 -12.51
N ARG A 43 -9.23 -5.64 -12.11
CA ARG A 43 -10.60 -5.72 -12.60
C ARG A 43 -11.53 -4.94 -11.69
N PHE A 44 -12.53 -4.30 -12.28
CA PHE A 44 -13.64 -3.76 -11.49
C PHE A 44 -14.46 -4.90 -10.92
N SER A 45 -14.55 -5.01 -9.60
CA SER A 45 -15.21 -6.14 -8.99
C SER A 45 -16.41 -5.81 -8.12
N ALA A 46 -16.49 -4.60 -7.56
CA ALA A 46 -17.66 -4.24 -6.77
C ALA A 46 -17.83 -2.73 -6.79
N LYS A 47 -19.04 -2.28 -6.49
CA LYS A 47 -19.34 -0.86 -6.46
C LYS A 47 -20.34 -0.56 -5.36
N SER A 48 -20.28 0.67 -4.87
CA SER A 48 -21.31 1.21 -3.98
C SER A 48 -21.45 2.67 -4.37
N ASP A 49 -22.59 3.03 -4.94
CA ASP A 49 -22.75 4.38 -5.48
C ASP A 49 -24.24 4.66 -5.66
N LEU A 50 -24.57 5.72 -6.41
CA LEU A 50 -25.98 6.06 -6.61
C LEU A 50 -26.78 4.88 -7.14
N SER A 51 -26.19 4.05 -8.00
CA SER A 51 -26.92 2.94 -8.59
C SER A 51 -27.18 1.80 -7.60
N THR A 52 -26.51 1.80 -6.45
CA THR A 52 -26.79 0.81 -5.41
C THR A 52 -27.50 1.42 -4.22
N GLY A 53 -27.98 2.66 -4.37
CA GLY A 53 -28.73 3.34 -3.34
C GLY A 53 -27.89 4.16 -2.38
N ASN A 54 -26.60 4.28 -2.61
CA ASN A 54 -25.71 5.05 -1.75
C ASN A 54 -25.74 6.52 -2.20
N MET A 55 -26.34 7.39 -1.37
CA MET A 55 -26.45 8.81 -1.68
C MET A 55 -25.31 9.63 -1.10
N VAL A 56 -24.36 8.98 -0.44
CA VAL A 56 -23.34 9.66 0.33
C VAL A 56 -22.01 9.66 -0.38
N HIS A 57 -21.55 8.50 -0.82
CA HIS A 57 -20.24 8.39 -1.44
C HIS A 57 -20.26 7.40 -2.59
N ALA A 58 -19.34 7.61 -3.51
CA ALA A 58 -19.10 6.72 -4.63
C ALA A 58 -17.85 5.92 -4.31
N SER A 59 -17.96 4.59 -4.32
CA SER A 59 -16.84 3.74 -3.98
C SER A 59 -16.74 2.62 -5.00
N TYR A 60 -15.54 2.44 -5.56
CA TYR A 60 -15.33 1.43 -6.58
C TYR A 60 -14.16 0.55 -6.17
N LEU A 61 -14.35 -0.76 -6.27
CA LEU A 61 -13.37 -1.74 -5.82
C LEU A 61 -12.73 -2.38 -7.05
N LEU A 62 -11.40 -2.32 -7.11
CA LEU A 62 -10.58 -3.05 -8.08
C LEU A 62 -9.90 -4.22 -7.39
N THR A 63 -9.75 -5.32 -8.11
CA THR A 63 -9.06 -6.47 -7.52
C THR A 63 -8.08 -7.07 -8.52
N SER A 64 -6.99 -7.61 -8.00
CA SER A 64 -6.10 -8.44 -8.81
C SER A 64 -5.60 -9.51 -7.86
N GLY A 65 -6.02 -10.76 -8.07
CA GLY A 65 -5.69 -11.78 -7.08
C GLY A 65 -6.32 -11.42 -5.73
N ASP A 66 -5.49 -11.36 -4.69
CA ASP A 66 -5.93 -10.97 -3.35
C ASP A 66 -5.77 -9.49 -3.08
N LEU A 67 -5.24 -8.72 -4.03
CA LEU A 67 -5.09 -7.28 -3.85
C LEU A 67 -6.40 -6.57 -4.10
N ARG A 68 -6.80 -5.71 -3.16
CA ARG A 68 -8.04 -4.96 -3.27
C ARG A 68 -7.73 -3.49 -3.09
N PHE A 69 -8.06 -2.70 -4.11
CA PHE A 69 -7.94 -1.24 -4.09
C PHE A 69 -9.34 -0.66 -4.13
N LEU A 70 -9.66 0.19 -3.16
CA LEU A 70 -10.96 0.84 -3.08
C LEU A 70 -10.76 2.33 -3.34
N PHE A 71 -11.61 2.91 -4.20
CA PHE A 71 -11.53 4.34 -4.54
C PHE A 71 -12.85 4.99 -4.14
N THR A 72 -12.77 5.99 -3.28
CA THR A 72 -13.98 6.58 -2.73
C THR A 72 -13.93 8.09 -2.84
N ALA A 73 -15.07 8.70 -3.20
CA ALA A 73 -15.22 10.15 -3.30
C ALA A 73 -16.61 10.53 -2.80
N PRO A 74 -16.76 11.72 -2.26
CA PRO A 74 -18.08 12.13 -1.73
C PRO A 74 -18.94 12.71 -2.83
N TYR A 75 -20.24 12.45 -2.74
CA TYR A 75 -21.22 13.20 -3.52
C TYR A 75 -21.49 14.55 -2.86
N SER A 76 -22.32 15.36 -3.49
CA SER A 76 -22.80 16.58 -2.84
C SER A 76 -23.48 16.20 -1.53
N PRO A 77 -23.14 16.85 -0.41
CA PRO A 77 -23.86 16.58 0.84
C PRO A 77 -25.35 16.78 0.72
N SER A 78 -25.82 17.62 -0.22
CA SER A 78 -27.25 17.86 -0.34
C SER A 78 -28.02 16.59 -0.65
N LEU A 79 -27.40 15.59 -1.30
CA LEU A 79 -28.12 14.37 -1.62
C LEU A 79 -28.54 13.59 -0.39
N SER A 80 -27.81 13.74 0.71
CA SER A 80 -28.04 12.98 1.92
C SER A 80 -28.34 13.89 3.11
N ALA A 81 -28.76 15.12 2.83
CA ALA A 81 -28.88 16.13 3.88
C ALA A 81 -29.88 15.74 4.95
N GLY A 82 -30.88 14.96 4.59
CA GLY A 82 -31.86 14.52 5.56
C GLY A 82 -31.48 13.28 6.34
N GLU A 83 -30.39 12.63 5.97
CA GLU A 83 -29.95 11.43 6.68
C GLU A 83 -29.26 11.78 8.00
N ILE A 84 -29.33 10.82 8.92
CA ILE A 84 -28.49 10.80 10.10
C ILE A 84 -27.78 9.45 10.11
N LYS A 85 -26.79 9.31 11.00
CA LYS A 85 -26.04 8.05 10.97
C LYS A 85 -26.95 6.83 11.10
N PRO A 86 -27.96 6.81 11.99
CA PRO A 86 -28.85 5.65 12.04
C PRO A 86 -29.63 5.39 10.76
N THR A 87 -29.77 6.37 9.86
CA THR A 87 -30.52 6.17 8.62
C THR A 87 -29.63 6.31 7.38
N THR A 88 -28.31 6.21 7.55
CA THR A 88 -27.41 6.51 6.44
C THR A 88 -27.57 5.50 5.31
N THR A 89 -27.34 5.98 4.09
CA THR A 89 -27.23 5.09 2.92
C THR A 89 -25.78 4.81 2.57
N ALA A 90 -24.83 5.35 3.33
CA ALA A 90 -23.42 5.03 3.12
C ALA A 90 -23.15 3.56 3.41
N SER A 91 -22.32 2.94 2.58
CA SER A 91 -21.92 1.57 2.82
C SER A 91 -20.70 1.47 3.72
N ILE A 92 -19.93 2.54 3.83
CA ILE A 92 -18.79 2.58 4.74
C ILE A 92 -19.13 3.55 5.85
N PRO A 93 -19.54 3.06 7.02
CA PRO A 93 -20.11 3.98 8.02
C PRO A 93 -19.12 4.99 8.57
N SER A 94 -17.81 4.74 8.44
CA SER A 94 -16.83 5.74 8.90
C SER A 94 -16.74 6.94 7.97
N PHE A 95 -17.30 6.86 6.77
CA PHE A 95 -17.13 7.95 5.81
C PHE A 95 -17.80 9.23 6.31
N ASP A 96 -17.15 10.35 6.03
CA ASP A 96 -17.69 11.66 6.37
C ASP A 96 -17.32 12.64 5.26
N HIS A 97 -18.31 13.34 4.70
CA HIS A 97 -18.05 14.29 3.61
C HIS A 97 -16.94 15.27 3.98
N GLY A 98 -17.05 15.89 5.16
CA GLY A 98 -16.08 16.92 5.53
C GLY A 98 -14.70 16.34 5.74
N SER A 99 -14.61 15.17 6.37
CA SER A 99 -13.30 14.55 6.57
C SER A 99 -12.65 14.25 5.22
N CYS A 100 -13.42 13.73 4.27
CA CYS A 100 -12.87 13.33 2.99
C CYS A 100 -12.42 14.55 2.19
N ARG A 101 -13.23 15.59 2.14
CA ARG A 101 -12.84 16.80 1.43
C ARG A 101 -11.62 17.45 2.08
N SER A 102 -11.58 17.45 3.42
CA SER A 102 -10.43 18.02 4.12
C SER A 102 -9.17 17.21 3.87
N PHE A 103 -9.27 15.88 3.95
CA PHE A 103 -8.15 15.02 3.60
C PHE A 103 -7.63 15.33 2.21
N PHE A 104 -8.53 15.41 1.23
CA PHE A 104 -8.07 15.57 -0.14
C PHE A 104 -7.51 16.98 -0.38
N SER A 105 -8.15 17.99 0.17
CA SER A 105 -7.61 19.33 0.05
C SER A 105 -6.20 19.39 0.63
N SER A 106 -5.98 18.75 1.78
CA SER A 106 -4.70 18.85 2.46
C SER A 106 -3.62 18.05 1.75
N HIS A 107 -3.93 16.80 1.39
CA HIS A 107 -2.91 15.85 0.95
C HIS A 107 -2.94 15.53 -0.53
N GLY A 108 -4.04 15.84 -1.23
CA GLY A 108 -4.22 15.37 -2.59
C GLY A 108 -4.55 13.90 -2.56
N LEU A 109 -4.52 13.29 -3.74
CA LEU A 109 -4.88 11.88 -3.87
C LEU A 109 -3.93 11.00 -3.06
N GLY A 110 -4.49 10.10 -2.26
CA GLY A 110 -3.65 9.29 -1.40
C GLY A 110 -4.45 8.29 -0.61
N VAL A 111 -3.73 7.49 0.17
CA VAL A 111 -4.34 6.41 0.92
C VAL A 111 -4.91 6.96 2.22
N ARG A 112 -6.20 6.73 2.42
CA ARG A 112 -6.84 7.04 3.68
C ARG A 112 -6.78 5.86 4.65
N ALA A 113 -6.99 4.64 4.15
CA ALA A 113 -7.09 3.47 5.03
C ALA A 113 -6.20 2.35 4.55
N VAL A 114 -5.41 1.80 5.48
CA VAL A 114 -4.73 0.52 5.33
C VAL A 114 -5.57 -0.48 6.12
N ALA A 115 -6.21 -1.42 5.43
CA ALA A 115 -7.16 -2.29 6.08
C ALA A 115 -6.57 -3.68 6.21
N ILE A 116 -6.63 -4.22 7.42
CA ILE A 116 -6.16 -5.58 7.70
C ILE A 116 -7.34 -6.40 8.18
N GLU A 117 -7.41 -7.65 7.73
CA GLU A 117 -8.43 -8.56 8.24
C GLU A 117 -7.96 -9.15 9.55
N VAL A 118 -8.83 -9.14 10.55
CA VAL A 118 -8.57 -9.69 11.86
C VAL A 118 -9.70 -10.66 12.18
N GLU A 119 -9.58 -11.40 13.28
CA GLU A 119 -10.66 -12.34 13.53
C GLU A 119 -11.88 -11.66 14.13
N ASP A 120 -11.68 -10.54 14.83
CA ASP A 120 -12.76 -9.82 15.51
C ASP A 120 -12.37 -8.35 15.55
N ALA A 121 -13.04 -7.54 14.73
CA ALA A 121 -12.67 -6.13 14.64
C ALA A 121 -13.06 -5.37 15.91
N GLU A 122 -14.14 -5.78 16.58
CA GLU A 122 -14.49 -5.10 17.83
C GLU A 122 -13.42 -5.34 18.89
N SER A 123 -12.96 -6.59 19.02
CA SER A 123 -11.91 -6.90 19.98
C SER A 123 -10.61 -6.18 19.62
N ALA A 124 -10.21 -6.25 18.34
CA ALA A 124 -9.01 -5.55 17.90
C ALA A 124 -9.08 -4.06 18.21
N PHE A 125 -10.22 -3.43 17.95
CA PHE A 125 -10.38 -2.00 18.26
C PHE A 125 -10.26 -1.77 19.76
N SER A 126 -10.97 -2.57 20.55
CA SER A 126 -10.98 -2.38 22.00
C SER A 126 -9.58 -2.57 22.59
N ILE A 127 -8.90 -3.65 22.19
CA ILE A 127 -7.54 -3.90 22.66
C ILE A 127 -6.58 -2.81 22.18
N SER A 128 -6.74 -2.35 20.93
CA SER A 128 -5.86 -1.32 20.43
C SER A 128 -6.00 -0.03 21.23
N VAL A 129 -7.23 0.41 21.44
CA VAL A 129 -7.46 1.65 22.15
C VAL A 129 -7.02 1.52 23.60
N ALA A 130 -7.25 0.36 24.21
CA ALA A 130 -6.78 0.15 25.58
C ALA A 130 -5.26 0.17 25.67
N ASN A 131 -4.57 -0.06 24.55
CA ASN A 131 -3.11 -0.03 24.49
C ASN A 131 -2.59 1.20 23.77
N GLY A 132 -3.39 2.26 23.68
CA GLY A 132 -2.90 3.56 23.28
C GLY A 132 -3.32 4.04 21.92
N ALA A 133 -4.01 3.24 21.12
CA ALA A 133 -4.41 3.70 19.79
C ALA A 133 -5.41 4.83 19.91
N ILE A 134 -5.33 5.79 18.99
CA ILE A 134 -6.28 6.90 18.94
C ILE A 134 -7.47 6.44 18.12
N PRO A 135 -8.67 6.39 18.69
CA PRO A 135 -9.83 5.91 17.93
C PRO A 135 -10.16 6.85 16.79
N SER A 136 -10.53 6.27 15.65
CA SER A 136 -11.04 7.05 14.54
C SER A 136 -12.48 6.74 14.19
N SER A 137 -12.86 5.46 14.17
CA SER A 137 -14.22 5.09 13.92
C SER A 137 -14.51 3.85 14.75
N PRO A 138 -15.55 3.85 15.57
CA PRO A 138 -15.81 2.72 16.44
C PRO A 138 -16.27 1.51 15.66
N PRO A 139 -16.24 0.32 16.27
CA PRO A 139 -16.69 -0.88 15.57
C PRO A 139 -18.16 -0.79 15.21
N ILE A 140 -18.46 -1.07 13.95
CA ILE A 140 -19.83 -1.09 13.47
C ILE A 140 -20.04 -2.42 12.76
N VAL A 141 -21.15 -3.07 13.09
CA VAL A 141 -21.50 -4.34 12.47
C VAL A 141 -22.42 -4.06 11.29
N LEU A 142 -22.04 -4.56 10.12
CA LEU A 142 -22.77 -4.34 8.89
C LEU A 142 -23.54 -5.61 8.56
N ASN A 143 -24.87 -5.52 8.57
CA ASN A 143 -25.76 -6.61 8.18
C ASN A 143 -25.50 -7.89 8.98
N GLU A 144 -25.10 -7.74 10.24
CA GLU A 144 -24.76 -8.87 11.12
C GLU A 144 -23.75 -9.81 10.45
N ALA A 145 -22.85 -9.28 9.64
CA ALA A 145 -22.01 -10.14 8.82
C ALA A 145 -20.55 -9.71 8.85
N VAL A 146 -20.32 -8.40 8.87
CA VAL A 146 -18.98 -7.84 8.81
C VAL A 146 -18.87 -6.77 9.86
N THR A 147 -17.74 -6.73 10.57
CA THR A 147 -17.47 -5.66 11.51
C THR A 147 -16.27 -4.86 11.04
N ILE A 148 -16.38 -3.53 11.13
CA ILE A 148 -15.35 -2.62 10.66
C ILE A 148 -15.08 -1.59 11.74
N ALA A 149 -13.81 -1.27 11.95
CA ALA A 149 -13.40 -0.29 12.95
C ALA A 149 -12.08 0.32 12.51
N GLU A 150 -11.79 1.51 13.02
CA GLU A 150 -10.62 2.24 12.55
C GLU A 150 -9.92 2.95 13.69
N VAL A 151 -8.58 2.92 13.66
CA VAL A 151 -7.76 3.72 14.58
C VAL A 151 -6.75 4.51 13.76
N LYS A 152 -6.22 5.58 14.36
CA LYS A 152 -5.23 6.36 13.63
C LYS A 152 -3.92 5.59 13.53
N LEU A 153 -3.30 5.64 12.35
CA LEU A 153 -2.00 5.00 12.11
C LEU A 153 -0.88 6.04 12.11
N TYR A 154 -0.93 6.99 11.18
CA TYR A 154 -0.02 8.13 11.14
C TYR A 154 -0.65 9.17 10.23
N GLY A 155 -0.37 10.44 10.51
CA GLY A 155 -1.00 11.52 9.75
C GLY A 155 -2.51 11.39 9.78
N ASP A 156 -3.12 11.49 8.61
CA ASP A 156 -4.55 11.23 8.46
C ASP A 156 -4.83 9.86 7.87
N VAL A 157 -3.89 8.92 7.99
CA VAL A 157 -4.07 7.54 7.56
C VAL A 157 -4.59 6.75 8.75
N VAL A 158 -5.58 5.90 8.50
CA VAL A 158 -6.11 5.03 9.54
C VAL A 158 -5.73 3.60 9.25
N LEU A 159 -5.56 2.83 10.32
CA LEU A 159 -5.52 1.37 10.24
C LEU A 159 -6.94 0.87 10.46
N ARG A 160 -7.49 0.21 9.45
CA ARG A 160 -8.87 -0.26 9.49
C ARG A 160 -8.88 -1.77 9.78
N TYR A 161 -9.69 -2.16 10.75
CA TYR A 161 -9.87 -3.57 11.10
C TYR A 161 -11.15 -4.07 10.47
N VAL A 162 -11.09 -5.20 9.78
CA VAL A 162 -12.27 -5.82 9.20
C VAL A 162 -12.30 -7.28 9.65
N SER A 163 -13.47 -7.75 10.11
CA SER A 163 -13.64 -9.15 10.45
C SER A 163 -14.95 -9.66 9.88
N TYR A 164 -14.95 -10.92 9.42
CA TYR A 164 -16.08 -11.52 8.74
C TYR A 164 -16.61 -12.70 9.55
N LYS A 165 -17.94 -12.76 9.69
CA LYS A 165 -18.53 -13.94 10.32
C LYS A 165 -18.33 -15.18 9.45
N ALA A 166 -18.48 -15.05 8.14
CA ALA A 166 -18.34 -16.19 7.23
C ALA A 166 -16.90 -16.70 7.20
N GLU A 173 -19.19 -9.49 -2.10
CA GLU A 173 -18.82 -10.09 -0.82
C GLU A 173 -17.71 -9.28 -0.14
N PHE A 174 -17.46 -8.07 -0.66
CA PHE A 174 -16.48 -7.18 -0.05
C PHE A 174 -17.02 -6.60 1.25
N LEU A 175 -18.08 -5.81 1.16
CA LEU A 175 -18.81 -5.28 2.29
C LEU A 175 -20.29 -5.32 1.97
N PRO A 176 -21.16 -5.44 2.96
CA PRO A 176 -22.59 -5.34 2.69
C PRO A 176 -22.91 -3.97 2.08
N GLY A 177 -23.86 -3.97 1.16
CA GLY A 177 -24.18 -2.76 0.43
C GLY A 177 -23.39 -2.57 -0.85
N PHE A 178 -22.25 -3.25 -0.99
CA PHE A 178 -21.56 -3.26 -2.27
C PHE A 178 -22.21 -4.31 -3.17
N GLU A 179 -22.26 -4.00 -4.46
CA GLU A 179 -22.79 -4.89 -5.47
C GLU A 179 -21.68 -5.33 -6.40
N ARG A 180 -21.66 -6.61 -6.78
CA ARG A 180 -20.79 -7.05 -7.86
C ARG A 180 -21.14 -6.31 -9.14
N VAL A 181 -20.15 -5.98 -9.94
CA VAL A 181 -20.41 -5.13 -11.10
C VAL A 181 -20.77 -5.99 -12.30
N GLU A 182 -21.53 -5.39 -13.22
CA GLU A 182 -21.89 -6.05 -14.47
C GLU A 182 -20.65 -6.55 -15.18
N ASP A 183 -20.67 -7.83 -15.57
CA ASP A 183 -19.51 -8.41 -16.23
C ASP A 183 -19.18 -7.71 -17.55
N ALA A 184 -20.16 -7.05 -18.17
CA ALA A 184 -19.86 -6.21 -19.32
C ALA A 184 -18.89 -5.09 -18.94
N SER A 185 -19.11 -4.48 -17.77
CA SER A 185 -18.19 -3.46 -17.27
C SER A 185 -16.97 -4.06 -16.59
N SER A 186 -16.91 -5.37 -16.39
CA SER A 186 -15.83 -6.02 -15.66
C SER A 186 -14.96 -6.78 -16.66
N PHE A 187 -14.04 -6.07 -17.28
CA PHE A 187 -13.08 -6.67 -18.19
C PHE A 187 -12.02 -7.41 -17.37
N PRO A 188 -11.70 -8.68 -17.72
CA PRO A 188 -10.82 -9.48 -16.86
C PRO A 188 -9.33 -9.17 -17.05
N LEU A 189 -8.97 -7.92 -16.81
CA LEU A 189 -7.56 -7.54 -16.86
C LEU A 189 -6.77 -8.26 -15.77
N ASP A 190 -5.53 -8.59 -16.10
CA ASP A 190 -4.64 -9.20 -15.12
C ASP A 190 -3.21 -9.14 -15.64
N TYR A 191 -2.36 -8.36 -14.99
CA TYR A 191 -0.96 -8.30 -15.37
C TYR A 191 -0.06 -9.08 -14.41
N GLY A 192 -0.63 -9.82 -13.47
CA GLY A 192 0.13 -10.68 -12.59
C GLY A 192 0.20 -10.26 -11.14
N ILE A 193 -0.34 -9.09 -10.79
CA ILE A 193 -0.27 -8.66 -9.40
C ILE A 193 -1.21 -9.51 -8.55
N ARG A 194 -0.75 -9.91 -7.35
CA ARG A 194 -1.51 -10.88 -6.57
C ARG A 194 -1.84 -10.47 -5.14
N ARG A 195 -1.03 -9.62 -4.50
CA ARG A 195 -1.36 -9.22 -3.12
C ARG A 195 -0.53 -8.00 -2.72
N LEU A 196 -0.94 -7.38 -1.60
CA LEU A 196 -0.16 -6.32 -0.98
C LEU A 196 0.94 -6.93 -0.13
N ASP A 197 2.19 -6.60 -0.43
CA ASP A 197 3.31 -7.09 0.33
C ASP A 197 3.62 -6.20 1.53
N HIS A 198 3.70 -4.88 1.32
CA HIS A 198 3.90 -3.97 2.45
C HIS A 198 3.41 -2.58 2.09
N ALA A 199 3.19 -1.78 3.12
CA ALA A 199 2.67 -0.42 2.99
C ALA A 199 3.53 0.46 3.86
N VAL A 200 4.10 1.51 3.28
CA VAL A 200 5.17 2.29 3.89
C VAL A 200 4.66 3.68 4.22
N GLY A 201 4.89 4.14 5.45
CA GLY A 201 4.51 5.48 5.86
C GLY A 201 5.73 6.37 5.99
N ASN A 202 5.55 7.66 5.68
CA ASN A 202 6.54 8.69 5.99
C ASN A 202 6.03 9.54 7.14
N VAL A 203 6.87 9.73 8.15
CA VAL A 203 6.50 10.50 9.34
C VAL A 203 7.64 11.45 9.67
N PRO A 204 7.35 12.52 10.42
CA PRO A 204 8.44 13.41 10.86
C PRO A 204 9.32 12.78 11.93
N GLU A 205 8.78 11.92 12.78
CA GLU A 205 9.50 11.37 13.94
C GLU A 205 9.27 9.87 14.01
N LEU A 206 10.32 9.10 13.69
CA LEU A 206 10.19 7.65 13.62
C LEU A 206 9.98 7.03 14.98
N GLY A 207 10.75 7.46 15.99
CA GLY A 207 10.69 6.88 17.30
C GLY A 207 9.28 6.87 17.87
N PRO A 208 8.67 8.06 17.98
CA PRO A 208 7.30 8.12 18.49
C PRO A 208 6.30 7.37 17.63
N ALA A 209 6.47 7.38 16.31
CA ALA A 209 5.58 6.64 15.43
C ALA A 209 5.66 5.13 15.69
N LEU A 210 6.88 4.61 15.81
CA LEU A 210 7.07 3.19 16.09
C LEU A 210 6.51 2.81 17.45
N THR A 211 6.86 3.61 18.47
CA THR A 211 6.37 3.34 19.82
C THR A 211 4.84 3.31 19.85
N TYR A 212 4.21 4.24 19.13
CA TYR A 212 2.75 4.29 19.10
C TYR A 212 2.17 3.03 18.45
N VAL A 213 2.62 2.71 17.23
CA VAL A 213 2.00 1.62 16.50
C VAL A 213 2.32 0.28 17.14
N ALA A 214 3.59 0.03 17.45
CA ALA A 214 3.94 -1.22 18.13
C ALA A 214 3.27 -1.29 19.50
N GLY A 215 3.06 -0.14 20.13
CA GLY A 215 2.39 -0.12 21.42
C GLY A 215 0.97 -0.67 21.37
N PHE A 216 0.20 -0.30 20.34
CA PHE A 216 -1.19 -0.74 20.34
C PHE A 216 -1.44 -2.02 19.55
N THR A 217 -0.52 -2.42 18.68
CA THR A 217 -0.70 -3.66 17.92
C THR A 217 0.02 -4.85 18.53
N GLY A 218 1.13 -4.61 19.20
CA GLY A 218 2.04 -5.70 19.53
C GLY A 218 2.88 -6.17 18.37
N PHE A 219 2.82 -5.48 17.23
CA PHE A 219 3.71 -5.82 16.13
C PHE A 219 5.16 -5.65 16.56
N HIS A 220 6.03 -6.52 16.04
CA HIS A 220 7.43 -6.51 16.43
C HIS A 220 8.30 -5.92 15.32
N GLN A 221 9.51 -5.55 15.70
CA GLN A 221 10.45 -4.98 14.74
C GLN A 221 10.99 -6.09 13.85
N PHE A 222 10.83 -5.92 12.55
CA PHE A 222 11.26 -6.89 11.55
C PHE A 222 12.59 -6.50 10.90
N ALA A 223 12.78 -5.21 10.65
CA ALA A 223 13.97 -4.70 9.99
C ALA A 223 14.17 -3.26 10.44
N GLU A 224 15.34 -2.73 10.13
CA GLU A 224 15.69 -1.36 10.50
C GLU A 224 16.81 -0.89 9.60
N PHE A 225 16.82 0.41 9.32
CA PHE A 225 17.83 1.00 8.45
C PHE A 225 18.22 2.37 8.99
N THR A 226 19.51 2.63 9.01
CA THR A 226 20.05 3.92 9.43
C THR A 226 21.07 4.42 8.43
N SER A 235 20.21 7.20 0.85
CA SER A 235 20.44 8.00 2.04
C SER A 235 19.29 8.99 2.28
N GLY A 236 19.35 9.70 3.39
CA GLY A 236 18.37 10.72 3.74
C GLY A 236 17.23 10.26 4.62
N LEU A 237 17.29 9.05 5.16
CA LEU A 237 16.18 8.55 5.96
C LEU A 237 16.67 7.60 7.03
N ASN A 238 15.83 7.39 8.03
CA ASN A 238 15.89 6.24 8.91
C ASN A 238 14.58 5.47 8.76
N SER A 239 14.66 4.15 8.87
CA SER A 239 13.49 3.34 8.63
C SER A 239 13.45 2.18 9.62
N ALA A 240 12.25 1.75 9.96
CA ALA A 240 12.09 0.48 10.68
C ALA A 240 10.77 -0.14 10.25
N VAL A 241 10.70 -1.46 10.35
CA VAL A 241 9.56 -2.22 9.85
C VAL A 241 8.90 -2.94 11.03
N LEU A 242 7.59 -2.76 11.17
CA LEU A 242 6.77 -3.49 12.12
C LEU A 242 6.07 -4.64 11.43
N ALA A 243 5.97 -5.79 12.12
CA ALA A 243 5.44 -7.01 11.52
C ALA A 243 4.47 -7.72 12.47
N SER A 244 3.46 -8.35 11.89
CA SER A 244 2.56 -9.23 12.62
C SER A 244 3.27 -10.55 12.96
N ASN A 245 2.56 -11.41 13.69
CA ASN A 245 3.16 -12.64 14.23
C ASN A 245 3.75 -13.51 13.11
N ASP A 246 3.00 -13.71 12.04
CA ASP A 246 3.54 -14.50 10.94
C ASP A 246 4.26 -13.64 9.90
N GLU A 247 4.45 -12.36 10.20
CA GLU A 247 5.22 -11.42 9.39
C GLU A 247 4.66 -11.30 7.98
N MET A 248 3.34 -11.46 7.86
CA MET A 248 2.61 -11.25 6.61
C MET A 248 2.03 -9.85 6.49
N VAL A 249 1.75 -9.18 7.61
CA VAL A 249 1.43 -7.76 7.59
C VAL A 249 2.72 -7.03 7.93
N LEU A 250 3.20 -6.19 7.01
CA LEU A 250 4.48 -5.52 7.13
C LEU A 250 4.26 -4.05 6.91
N LEU A 251 4.70 -3.25 7.88
CA LEU A 251 4.47 -1.80 7.88
C LEU A 251 5.80 -1.08 8.12
N PRO A 252 6.57 -0.82 7.07
CA PRO A 252 7.74 0.04 7.21
C PRO A 252 7.32 1.49 7.47
N ILE A 253 8.17 2.19 8.21
CA ILE A 253 7.97 3.60 8.49
C ILE A 253 9.31 4.32 8.34
N ASN A 254 9.29 5.46 7.67
CA ASN A 254 10.48 6.27 7.39
C ASN A 254 10.37 7.61 8.08
N GLU A 255 11.51 8.16 8.46
CA GLU A 255 11.62 9.56 8.85
C GLU A 255 12.73 10.20 8.03
N PRO A 256 12.67 11.51 7.84
CA PRO A 256 13.78 12.19 7.15
C PRO A 256 14.98 12.33 8.08
N VAL A 257 16.15 12.38 7.46
CA VAL A 257 17.41 12.69 8.12
C VAL A 257 17.89 14.00 7.51
N HIS A 258 17.93 15.06 8.32
CA HIS A 258 18.34 16.37 7.86
C HIS A 258 19.84 16.54 8.02
N GLY A 259 20.44 17.27 7.08
CA GLY A 259 21.85 17.63 7.14
C GLY A 259 22.72 17.00 6.08
N THR A 260 22.17 16.17 5.21
CA THR A 260 22.94 15.64 4.09
C THR A 260 22.97 16.66 2.96
N LYS A 261 23.99 16.53 2.10
CA LYS A 261 24.15 17.45 0.98
C LYS A 261 22.89 17.54 0.14
N ARG A 262 22.35 16.38 -0.25
CA ARG A 262 21.08 16.34 -0.95
C ARG A 262 19.93 16.36 0.04
N LYS A 263 18.86 17.07 -0.32
CA LYS A 263 17.71 17.18 0.56
C LYS A 263 17.00 15.84 0.68
N SER A 264 16.51 15.54 1.89
CA SER A 264 15.82 14.28 2.15
C SER A 264 14.57 14.17 1.29
N GLN A 265 14.48 13.08 0.52
CA GLN A 265 13.27 12.79 -0.24
C GLN A 265 12.06 12.63 0.68
N ILE A 266 12.28 12.16 1.91
CA ILE A 266 11.18 12.04 2.87
C ILE A 266 10.68 13.43 3.26
N GLN A 267 11.59 14.38 3.48
CA GLN A 267 11.17 15.75 3.78
C GLN A 267 10.37 16.35 2.64
N THR A 268 10.82 16.12 1.40
CA THR A 268 10.05 16.59 0.24
C THR A 268 8.64 16.00 0.23
N TYR A 269 8.52 14.70 0.50
CA TYR A 269 7.19 14.11 0.66
C TYR A 269 6.38 14.88 1.71
N LEU A 270 6.95 15.08 2.90
CA LEU A 270 6.18 15.71 3.96
C LEU A 270 5.77 17.12 3.60
N GLU A 271 6.61 17.83 2.86
CA GLU A 271 6.22 19.19 2.46
C GLU A 271 5.06 19.16 1.46
N HIS A 272 5.16 18.31 0.43
CA HIS A 272 4.12 18.30 -0.60
C HIS A 272 2.84 17.63 -0.13
N ASN A 273 2.96 16.68 0.81
CA ASN A 273 1.80 15.99 1.37
C ASN A 273 1.12 16.75 2.51
N GLU A 274 1.68 17.86 2.95
CA GLU A 274 1.27 18.52 4.19
C GLU A 274 1.27 17.53 5.36
N GLY A 275 2.39 16.86 5.55
CA GLY A 275 2.60 16.05 6.74
C GLY A 275 2.70 14.56 6.44
N ALA A 276 2.69 13.77 7.53
CA ALA A 276 2.83 12.33 7.44
C ALA A 276 1.75 11.71 6.59
N GLY A 277 2.06 10.57 5.99
CA GLY A 277 1.10 9.86 5.17
C GLY A 277 1.75 8.64 4.57
N LEU A 278 0.97 7.94 3.76
CA LEU A 278 1.47 6.72 3.15
C LEU A 278 2.37 7.08 1.97
N GLN A 279 3.60 6.54 1.98
CA GLN A 279 4.57 6.81 0.93
C GLN A 279 4.45 5.86 -0.25
N HIS A 280 4.51 4.55 -0.02
CA HIS A 280 4.33 3.65 -1.15
C HIS A 280 3.64 2.36 -0.76
N LEU A 281 3.01 1.76 -1.75
CA LEU A 281 2.41 0.44 -1.65
C LEU A 281 3.25 -0.50 -2.50
N ALA A 282 3.74 -1.58 -1.90
CA ALA A 282 4.49 -2.58 -2.64
C ALA A 282 3.56 -3.74 -2.96
N LEU A 283 3.43 -4.04 -4.25
CA LEU A 283 2.46 -5.00 -4.75
C LEU A 283 3.23 -6.23 -5.24
N MET A 284 2.94 -7.38 -4.65
CA MET A 284 3.59 -8.62 -5.05
C MET A 284 3.01 -9.12 -6.36
N SER A 285 3.90 -9.46 -7.30
CA SER A 285 3.53 -10.06 -8.57
C SER A 285 3.96 -11.53 -8.58
N GLU A 286 3.14 -12.38 -9.18
CA GLU A 286 3.59 -13.77 -9.37
C GLU A 286 4.48 -13.91 -10.59
N ASP A 287 4.64 -12.86 -11.38
CA ASP A 287 5.51 -12.89 -12.54
C ASP A 287 5.92 -11.47 -12.85
N ILE A 288 6.96 -10.99 -12.18
CA ILE A 288 7.28 -9.57 -12.25
C ILE A 288 7.68 -9.18 -13.67
N PHE A 289 8.26 -10.13 -14.43
CA PHE A 289 8.58 -9.82 -15.81
C PHE A 289 7.33 -9.50 -16.62
N ARG A 290 6.31 -10.35 -16.50
CA ARG A 290 5.07 -10.08 -17.21
C ARG A 290 4.40 -8.80 -16.70
N THR A 291 4.38 -8.60 -15.39
CA THR A 291 3.75 -7.39 -14.86
C THR A 291 4.39 -6.14 -15.44
N LEU A 292 5.72 -6.12 -15.52
CA LEU A 292 6.40 -4.91 -16.00
C LEU A 292 6.31 -4.76 -17.50
N ARG A 293 6.35 -5.86 -18.27
CA ARG A 293 6.07 -5.75 -19.69
C ARG A 293 4.72 -5.10 -19.91
N GLU A 294 3.70 -5.55 -19.18
CA GLU A 294 2.34 -5.05 -19.40
C GLU A 294 2.21 -3.63 -18.92
N MET A 295 2.80 -3.31 -17.77
CA MET A 295 2.67 -1.94 -17.27
C MET A 295 3.46 -0.95 -18.13
N ARG A 296 4.66 -1.35 -18.57
CA ARG A 296 5.44 -0.44 -19.39
C ARG A 296 4.81 -0.19 -20.74
N LYS A 297 4.10 -1.19 -21.30
CA LYS A 297 3.41 -0.95 -22.57
C LYS A 297 2.36 0.13 -22.44
N ARG A 298 1.84 0.35 -21.23
CA ARG A 298 0.73 1.25 -21.01
C ARG A 298 1.14 2.58 -20.38
N SER A 299 2.42 2.78 -20.10
CA SER A 299 2.84 3.99 -19.35
C SER A 299 2.37 5.26 -20.02
N SER A 300 2.50 5.35 -21.35
CA SER A 300 2.19 6.57 -22.06
C SER A 300 0.80 6.55 -22.69
N ILE A 301 -0.02 5.56 -22.37
CA ILE A 301 -1.39 5.51 -22.88
C ILE A 301 -2.34 5.34 -21.71
N GLY A 302 -2.07 6.10 -20.64
CA GLY A 302 -2.97 6.19 -19.51
C GLY A 302 -2.52 5.45 -18.27
N GLY A 303 -1.44 4.69 -18.36
CA GLY A 303 -0.96 3.89 -17.24
C GLY A 303 0.00 4.63 -16.34
N PHE A 304 0.94 3.89 -15.75
CA PHE A 304 1.91 4.45 -14.82
C PHE A 304 3.29 4.51 -15.44
N ASP A 305 4.01 5.60 -15.16
CA ASP A 305 5.40 5.74 -15.53
C ASP A 305 6.29 5.11 -14.47
N PHE A 306 7.49 4.71 -14.88
CA PHE A 306 8.44 4.15 -13.96
C PHE A 306 9.65 5.07 -13.78
N MET A 307 10.26 4.98 -12.60
CA MET A 307 11.47 5.74 -12.32
C MET A 307 12.55 5.38 -13.35
N PRO A 308 13.53 6.28 -13.55
CA PRO A 308 14.61 5.98 -14.50
C PRO A 308 15.33 4.69 -14.16
N SER A 309 15.67 3.94 -15.20
CA SER A 309 16.32 2.65 -15.01
C SER A 309 17.77 2.85 -14.61
N PRO A 310 18.34 1.91 -13.85
CA PRO A 310 19.74 2.03 -13.44
C PRO A 310 20.67 1.85 -14.63
N PRO A 311 21.91 2.35 -14.53
CA PRO A 311 22.83 2.28 -15.68
C PRO A 311 23.20 0.85 -16.01
N PRO A 312 23.75 0.60 -17.20
CA PRO A 312 24.19 -0.75 -17.54
C PRO A 312 25.19 -1.34 -16.55
N THR A 313 25.97 -0.50 -15.88
CA THR A 313 26.90 -0.98 -14.87
C THR A 313 26.18 -1.68 -13.73
N TYR A 314 24.95 -1.24 -13.41
CA TYR A 314 24.19 -1.92 -12.37
C TYR A 314 23.95 -3.38 -12.74
N TYR A 315 23.62 -3.64 -14.00
CA TYR A 315 23.27 -5.00 -14.39
C TYR A 315 24.51 -5.86 -14.61
N GLN A 316 25.63 -5.27 -15.00
CA GLN A 316 26.87 -6.03 -15.04
C GLN A 316 27.29 -6.44 -13.63
N ASN A 317 27.12 -5.55 -12.66
CA ASN A 317 27.41 -5.89 -11.26
C ASN A 317 26.40 -6.87 -10.68
N LEU A 318 25.23 -7.03 -11.32
CA LEU A 318 24.24 -7.96 -10.82
C LEU A 318 24.72 -9.40 -10.93
N LYS A 319 25.44 -9.71 -12.02
CA LYS A 319 25.93 -11.08 -12.23
C LYS A 319 26.76 -11.55 -11.04
N LYS A 320 27.62 -10.68 -10.51
CA LYS A 320 28.46 -11.05 -9.38
C LYS A 320 27.65 -11.19 -8.09
N ARG A 321 26.52 -10.51 -7.97
CA ARG A 321 25.77 -10.53 -6.72
C ARG A 321 24.70 -11.60 -6.66
N VAL A 322 24.06 -11.92 -7.78
CA VAL A 322 22.92 -12.84 -7.76
C VAL A 322 23.04 -13.85 -8.90
N GLY A 323 24.24 -14.03 -9.43
CA GLY A 323 24.44 -14.94 -10.54
C GLY A 323 24.12 -16.39 -10.22
N ASP A 324 24.01 -16.74 -8.95
CA ASP A 324 23.58 -18.07 -8.53
C ASP A 324 22.07 -18.19 -8.43
N VAL A 325 21.35 -17.07 -8.45
CA VAL A 325 19.90 -17.06 -8.33
C VAL A 325 19.23 -16.82 -9.68
N LEU A 326 19.78 -15.91 -10.47
CA LEU A 326 19.23 -15.53 -11.76
C LEU A 326 20.22 -15.86 -12.85
N SER A 327 19.75 -16.56 -13.89
CA SER A 327 20.56 -16.79 -15.08
C SER A 327 20.88 -15.47 -15.77
N ASP A 328 21.86 -15.51 -16.67
CA ASP A 328 22.18 -14.33 -17.48
C ASP A 328 20.95 -13.84 -18.25
N ASP A 329 20.20 -14.75 -18.78
CA ASP A 329 19.03 -14.35 -19.49
C ASP A 329 17.98 -13.63 -18.63
N GLN A 330 17.80 -14.13 -17.42
CA GLN A 330 16.89 -13.47 -16.50
C GLN A 330 17.43 -12.13 -16.04
N ILE A 331 18.75 -12.00 -15.89
CA ILE A 331 19.34 -10.69 -15.60
C ILE A 331 19.16 -9.75 -16.79
N LYS A 332 19.28 -10.28 -18.01
CA LYS A 332 19.06 -9.45 -19.19
C LYS A 332 17.63 -8.93 -19.25
N GLU A 333 16.67 -9.76 -18.84
CA GLU A 333 15.27 -9.34 -18.79
C GLU A 333 15.06 -8.28 -17.71
N CYS A 334 15.71 -8.43 -16.56
CA CYS A 334 15.69 -7.37 -15.56
C CYS A 334 16.20 -6.06 -16.16
N GLU A 335 17.26 -6.12 -16.96
CA GLU A 335 17.80 -4.91 -17.56
C GLU A 335 16.85 -4.32 -18.59
N GLU A 336 16.21 -5.17 -19.40
CA GLU A 336 15.23 -4.68 -20.37
C GLU A 336 14.10 -3.90 -19.69
N LEU A 337 13.71 -4.32 -18.48
CA LEU A 337 12.54 -3.77 -17.81
C LEU A 337 12.89 -2.78 -16.70
N GLY A 338 14.17 -2.54 -16.44
CA GLY A 338 14.54 -1.59 -15.39
C GLY A 338 14.40 -2.12 -13.98
N ILE A 339 14.36 -3.44 -13.82
CA ILE A 339 14.12 -4.07 -12.52
C ILE A 339 15.38 -4.01 -11.67
N LEU A 340 15.21 -3.70 -10.39
CA LEU A 340 16.27 -3.74 -9.39
C LEU A 340 16.24 -5.08 -8.66
N VAL A 341 17.39 -5.50 -8.16
CA VAL A 341 17.52 -6.76 -7.45
C VAL A 341 18.32 -6.51 -6.17
N ASP A 342 17.85 -7.06 -5.05
CA ASP A 342 18.63 -7.05 -3.83
C ASP A 342 18.55 -8.43 -3.20
N ARG A 343 19.43 -8.66 -2.23
CA ARG A 343 19.54 -9.99 -1.66
C ARG A 343 20.06 -9.85 -0.24
N ASP A 344 19.47 -10.59 0.68
CA ASP A 344 20.03 -10.70 2.02
C ASP A 344 20.58 -12.12 2.21
N ASP A 345 20.77 -12.52 3.46
CA ASP A 345 21.29 -13.84 3.74
C ASP A 345 20.23 -14.93 3.63
N GLN A 346 18.99 -14.56 3.37
CA GLN A 346 17.89 -15.52 3.33
C GLN A 346 17.16 -15.58 2.01
N GLY A 347 17.05 -14.45 1.29
CA GLY A 347 16.28 -14.48 0.06
C GLY A 347 16.75 -13.40 -0.89
N THR A 348 16.09 -13.37 -2.06
CA THR A 348 16.39 -12.42 -3.12
C THR A 348 15.12 -11.66 -3.48
N LEU A 349 15.30 -10.39 -3.82
CA LEU A 349 14.21 -9.45 -4.04
C LEU A 349 14.33 -8.83 -5.42
N LEU A 350 13.26 -8.90 -6.21
CA LEU A 350 13.14 -8.13 -7.45
C LEU A 350 12.14 -7.01 -7.18
N GLN A 351 12.48 -5.78 -7.57
CA GLN A 351 11.63 -4.63 -7.25
C GLN A 351 11.80 -3.53 -8.29
N ILE A 352 10.77 -2.70 -8.42
CA ILE A 352 10.84 -1.52 -9.28
C ILE A 352 9.81 -0.54 -8.77
N PHE A 353 10.02 0.74 -9.08
CA PHE A 353 9.21 1.82 -8.52
C PHE A 353 8.60 2.66 -9.62
N THR A 354 7.31 2.97 -9.44
CA THR A 354 6.67 3.91 -10.34
C THR A 354 7.04 5.33 -9.95
N LYS A 355 6.83 6.24 -10.90
CA LYS A 355 6.74 7.65 -10.58
C LYS A 355 5.50 7.89 -9.73
N PRO A 356 5.37 9.06 -9.13
CA PRO A 356 4.19 9.32 -8.29
C PRO A 356 2.88 9.07 -9.03
N LEU A 357 1.88 8.61 -8.28
CA LEU A 357 0.62 8.18 -8.86
C LEU A 357 -0.27 9.34 -9.27
N GLY A 358 -0.05 10.52 -8.69
CA GLY A 358 -0.90 11.65 -9.01
C GLY A 358 -0.09 12.92 -9.18
N ASP A 359 -0.74 14.08 -8.96
CA ASP A 359 -0.10 15.36 -9.25
C ASP A 359 1.10 15.63 -8.32
N ARG A 360 0.98 15.26 -7.04
CA ARG A 360 2.02 15.64 -6.10
C ARG A 360 3.10 14.58 -6.02
N PRO A 361 4.39 14.99 -5.71
CA PRO A 361 5.49 14.00 -5.58
C PRO A 361 5.44 13.29 -4.24
N THR A 362 4.37 12.51 -4.03
CA THR A 362 4.08 11.91 -2.74
C THR A 362 4.00 10.41 -2.91
N ILE A 363 2.81 9.83 -3.07
CA ILE A 363 2.66 8.39 -3.07
C ILE A 363 3.10 7.80 -4.41
N PHE A 364 3.75 6.66 -4.37
CA PHE A 364 4.12 5.89 -5.55
C PHE A 364 3.88 4.41 -5.27
N ILE A 365 4.10 3.57 -6.28
CA ILE A 365 3.89 2.13 -6.16
C ILE A 365 5.20 1.39 -6.41
N GLU A 366 5.38 0.30 -5.70
CA GLU A 366 6.49 -0.62 -5.93
C GLU A 366 5.91 -1.95 -6.40
N ILE A 367 6.50 -2.54 -7.44
CA ILE A 367 6.20 -3.92 -7.81
C ILE A 367 7.34 -4.78 -7.31
N ILE A 368 7.01 -5.90 -6.67
CA ILE A 368 7.99 -6.73 -6.01
C ILE A 368 7.71 -8.20 -6.32
N GLN A 369 8.78 -8.99 -6.41
CA GLN A 369 8.64 -10.44 -6.35
C GLN A 369 9.83 -10.99 -5.57
N ARG A 370 9.56 -11.95 -4.68
CA ARG A 370 10.56 -12.47 -3.76
C ARG A 370 10.90 -13.92 -4.09
N VAL A 371 12.17 -14.27 -3.90
CA VAL A 371 12.69 -15.60 -4.21
C VAL A 371 13.35 -16.16 -2.95
N GLY A 372 12.92 -17.35 -2.54
CA GLY A 372 13.54 -18.02 -1.40
C GLY A 372 12.64 -18.24 -0.20
N CYS A 373 13.25 -18.52 0.95
CA CYS A 373 12.55 -18.65 2.23
C CYS A 373 11.35 -19.59 2.12
N MET A 374 11.52 -20.68 1.39
CA MET A 374 10.45 -21.66 1.23
C MET A 374 10.47 -22.64 2.40
N MET A 375 9.29 -23.00 2.87
CA MET A 375 9.18 -23.94 4.00
C MET A 375 7.92 -24.81 3.74
N TYR A 383 4.99 -22.75 1.56
CA TYR A 383 4.81 -21.33 1.66
C TYR A 383 6.06 -20.61 1.71
N GLN A 384 5.98 -19.32 1.37
CA GLN A 384 7.13 -18.43 1.45
C GLN A 384 6.95 -17.52 2.66
N SER A 385 7.99 -17.41 3.47
CA SER A 385 7.88 -16.57 4.65
C SER A 385 7.86 -15.10 4.26
N GLY A 386 7.16 -14.32 5.06
CA GLY A 386 7.00 -12.91 4.75
C GLY A 386 8.32 -12.16 4.76
N GLY A 387 8.38 -11.12 3.94
CA GLY A 387 9.55 -10.26 3.91
C GLY A 387 10.80 -10.95 3.39
N CYS A 388 10.66 -12.10 2.74
CA CYS A 388 11.79 -12.83 2.19
C CYS A 388 12.69 -11.97 1.31
N GLY A 389 13.91 -11.70 1.76
CA GLY A 389 14.85 -10.91 0.99
C GLY A 389 14.97 -9.46 1.40
N GLY A 390 14.11 -9.00 2.30
CA GLY A 390 14.22 -7.64 2.82
C GLY A 390 13.35 -6.65 2.08
N PHE A 391 13.81 -5.39 2.00
CA PHE A 391 13.05 -4.34 1.35
C PHE A 391 13.85 -3.56 0.32
N GLY A 392 15.09 -3.99 0.06
CA GLY A 392 15.91 -3.38 -0.96
C GLY A 392 16.90 -2.35 -0.47
N LYS A 393 17.23 -2.35 0.83
CA LYS A 393 18.09 -1.29 1.34
C LYS A 393 19.49 -1.37 0.73
N GLY A 394 19.91 -2.56 0.32
CA GLY A 394 21.18 -2.69 -0.37
C GLY A 394 21.22 -1.96 -1.70
N ASN A 395 20.06 -1.61 -2.25
CA ASN A 395 20.03 -0.95 -3.54
C ASN A 395 20.38 0.53 -3.46
N PHE A 396 20.31 1.16 -2.29
CA PHE A 396 20.84 2.51 -2.15
C PHE A 396 22.33 2.53 -2.49
N SER A 397 23.11 1.71 -1.78
CA SER A 397 24.56 1.65 -2.02
C SER A 397 24.87 1.25 -3.45
N GLU A 398 24.25 0.17 -3.93
CA GLU A 398 24.60 -0.37 -5.24
C GLU A 398 24.18 0.58 -6.36
N LEU A 399 23.03 1.25 -6.19
CA LEU A 399 22.67 2.28 -7.18
C LEU A 399 23.71 3.39 -7.20
N PHE A 400 24.11 3.88 -6.02
CA PHE A 400 25.11 4.94 -5.96
C PHE A 400 26.41 4.49 -6.63
N LYS A 401 26.88 3.29 -6.29
CA LYS A 401 28.09 2.77 -6.93
C LYS A 401 27.93 2.69 -8.44
N SER A 402 26.79 2.18 -8.91
CA SER A 402 26.56 2.08 -10.35
C SER A 402 26.54 3.45 -11.00
N ILE A 403 25.92 4.44 -10.35
CA ILE A 403 25.91 5.83 -10.79
C ILE A 403 27.33 6.27 -11.11
N GLU A 404 28.24 6.11 -10.14
CA GLU A 404 29.62 6.55 -10.32
C GLU A 404 30.33 5.77 -11.41
N GLU A 405 30.17 4.43 -11.42
CA GLU A 405 30.83 3.61 -12.42
C GLU A 405 30.42 3.98 -13.84
N TYR A 406 29.15 4.36 -14.04
CA TYR A 406 28.68 4.66 -15.38
C TYR A 406 29.16 6.03 -15.85
N GLU A 407 29.20 7.01 -14.94
CA GLU A 407 29.83 8.29 -15.25
C GLU A 407 31.26 8.07 -15.73
N LYS A 408 32.04 7.29 -14.98
CA LYS A 408 33.39 6.88 -15.36
C LYS A 408 34.28 8.07 -15.70
C10 A1LWA B . 12.08 0.40 0.91
C13 A1LWA B . 11.64 0.07 3.21
C15 A1LWA B . 13.05 1.25 1.69
C20 A1LWA B . 15.04 1.86 3.84
C22 A1LWA B . 13.41 4.05 -4.81
C24 A1LWA B . 11.40 5.61 -5.54
C26 A1LWA B . 11.82 8.18 -5.99
C28 A1LWA B . 13.83 6.64 -5.26
C01 A1LWA B . 13.04 0.92 -1.47
C02 A1LWA B . 14.26 0.04 -1.73
C03 A1LWA B . 15.37 0.57 -2.61
C04 A1LWA B . 15.23 1.97 -3.21
C05 A1LWA B . 14.01 2.83 -2.94
C06 A1LWA B . 12.92 2.31 -2.07
C09 A1LWA B . 11.92 0.39 -0.59
C12 A1LWA B . 10.99 0.07 1.86
C18 A1LWA B . 13.85 0.99 4.20
C19 A1LWA B . 12.63 2.68 1.53
C23 A1LWA B . 12.88 5.44 -5.21
C25 A1LWA B . 10.88 6.98 -5.93
C27 A1LWA B . 13.29 8.01 -5.67
N14 A1LWA B . 12.91 0.79 3.10
O11 A1LWA B . 10.94 -0.04 -1.11
O16 A1LWA B . 9.90 -0.71 1.53
O17 A1LWA B . 11.19 -0.44 4.18
O21 A1LWA B . 13.89 4.11 -3.50
CL1 A1LWA B . 11.49 3.33 -1.76
CL2 A1LWA B . 16.48 2.63 -4.24
CO CO C . 9.25 -1.08 -0.41
#